data_1U64
#
_entry.id   1U64
#
_entity_poly.entity_id   1
_entity_poly.type   'polydeoxyribonucleotide'
_entity_poly.pdbx_seq_one_letter_code
;(DG)(DG)(DG)(DT)(DT)(DT)(DT)(DG)(DG)(DG)(DG)
;
_entity_poly.pdbx_strand_id   A,B
#
loop_
_chem_comp.id
_chem_comp.type
_chem_comp.name
_chem_comp.formula
DG DNA linking 2'-DEOXYGUANOSINE-5'-MONOPHOSPHATE 'C10 H14 N5 O7 P'
DT DNA linking THYMIDINE-5'-MONOPHOSPHATE 'C10 H15 N2 O8 P'
#